data_8ZBL
#
_entry.id   8ZBL
#
_cell.length_a   93.093
_cell.length_b   93.093
_cell.length_c   245.365
_cell.angle_alpha   90.000
_cell.angle_beta   90.000
_cell.angle_gamma   120.000
#
_symmetry.space_group_name_H-M   'P 65 2 2'
#
loop_
_entity.id
_entity.type
_entity.pdbx_description
1 polymer 'Bifunctional epoxide hydrolase 2'
2 non-polymer 1-[[(2~{S},4~{a}~{S},6~{a}~{R},6~{a}~{S},6~{b}~{R},8~{a}~{R},10~{S},12~{a}~{S},14~{b}~{S})-10-[(2~{S},3~{S},4~{S},5~{S},6~{R})-6-(hydroxymethyl)-3,4,5-tris(oxidanyl)oxan-2-yl]oxy-2,4~{a},6~{a},6~{b},9,9,12~{a}-heptamethyl-13-oxidanylidene-3,4,5,6,6~{a},7,8,8~{a},10,11,12,14~{b}-dodecahydro-1~{H}-picen-2-yl]methyl]-3-(oxan-4-ylmethyl)urea
3 non-polymer 'MAGNESIUM ION'
4 non-polymer 'PHOSPHATE ION'
5 water water
#
_entity_poly.entity_id   1
_entity_poly.type   'polypeptide(L)'
_entity_poly.pdbx_seq_one_letter_code
;MTLRAAVFDLDGVLALPAVFGVLGRTEEALALPRGLLNDAFQKGGPEGATTRLMKGEITLSQWIPLMEENCRKCSETAKV
CLPKNFSIKEIFDKAISARKINRPMLQAALMLRKKGFTTAILTNTWLDDRAERDGLAQLMCELKMHFDFLIESCQVGMVK
PEPQIYKFLLDTLKASPSEVVFLDDIGANLKPARDLGMVTILVQDTDTALKELEKVTGIQLLNTPAPLPTSCNPSDMSHG
YVTVKPRVRLHFVELGSGPAVCLCHGFPESWYSWRYQIPALAQAGYRVLAMDMKGYGESSAPPEIEEYCMEVLCKEMVTF
LDKLGLSQAVFIGHDWGGMLVWYMALFYPERVRAVASLNTPFIPANPNMSPLESIKANPVFDYQLYFQEPGVAEAELEQN
LSRTFKSLFRASDESVLSMHKVCEAGGLFVNSPEEPSLSRMVTEEEIQFYVQQFKKSGFRGPLNWYRNMERNWKWACKSL
GRKILIPALMVTAEKDFVLVPQMSQHMEDWIPHLKRGHIEDCGHWTQMDKPTEVNQILIKWLDSDARNPPVVSKM
;
_entity_poly.pdbx_strand_id   A
#
loop_
_chem_comp.id
_chem_comp.type
_chem_comp.name
_chem_comp.formula
A1D78 non-polymer 1-[[(2~{S},4~{a}~{S},6~{a}~{R},6~{a}~{S},6~{b}~{R},8~{a}~{R},10~{S},12~{a}~{S},14~{b}~{S})-10-[(2~{S},3~{S},4~{S},5~{S},6~{R})-6-(hydroxymethyl)-3,4,5-tris(oxidanyl)oxan-2-yl]oxy-2,4~{a},6~{a},6~{b},9,9,12~{a}-heptamethyl-13-oxidanylidene-3,4,5,6,6~{a},7,8,8~{a},10,11,12,14~{b}-dodecahydro-1~{H}-picen-2-yl]methyl]-3-(oxan-4-ylmethyl)urea 'C43 H70 N2 O9'
MG non-polymer 'MAGNESIUM ION' 'Mg 2'
PO4 non-polymer 'PHOSPHATE ION' 'O4 P -3'
#
# COMPACT_ATOMS: atom_id res chain seq x y z
N THR A 2 -10.47 -12.68 -28.97
CA THR A 2 -9.48 -13.76 -29.07
C THR A 2 -8.32 -13.55 -28.09
N LEU A 3 -7.97 -12.30 -27.82
CA LEU A 3 -6.81 -12.00 -26.99
C LEU A 3 -7.05 -12.42 -25.54
N ARG A 4 -6.00 -12.94 -24.92
CA ARG A 4 -6.09 -13.43 -23.54
C ARG A 4 -4.87 -13.09 -22.69
N ALA A 5 -3.81 -12.52 -23.26
CA ALA A 5 -2.63 -12.17 -22.51
C ALA A 5 -1.99 -10.92 -23.12
N ALA A 6 -1.30 -10.16 -22.28
CA ALA A 6 -0.60 -8.96 -22.72
C ALA A 6 0.79 -8.96 -22.10
N VAL A 7 1.80 -8.74 -22.93
CA VAL A 7 3.20 -8.74 -22.51
C VAL A 7 3.78 -7.36 -22.78
N PHE A 8 4.45 -6.79 -21.78
CA PHE A 8 4.97 -5.44 -21.85
C PHE A 8 6.49 -5.47 -21.68
N ASP A 9 7.19 -4.78 -22.57
CA ASP A 9 8.61 -4.50 -22.38
C ASP A 9 8.79 -3.59 -21.17
N LEU A 10 10.00 -3.60 -20.61
CA LEU A 10 10.32 -2.74 -19.46
C LEU A 10 10.84 -1.39 -19.95
N ASP A 11 12.06 -1.39 -20.50
CA ASP A 11 12.69 -0.14 -20.93
C ASP A 11 11.92 0.47 -22.10
N GLY A 12 11.48 1.71 -21.92
CA GLY A 12 10.77 2.42 -22.96
C GLY A 12 9.30 2.10 -23.09
N VAL A 13 8.78 1.16 -22.29
CA VAL A 13 7.35 0.81 -22.35
C VAL A 13 6.74 1.01 -20.97
N LEU A 14 7.20 0.23 -19.98
CA LEU A 14 6.72 0.41 -18.62
C LEU A 14 7.57 1.41 -17.82
N ALA A 15 8.80 1.68 -18.26
CA ALA A 15 9.70 2.59 -17.56
C ALA A 15 10.25 3.62 -18.54
N LEU A 16 10.26 4.88 -18.12
CA LEU A 16 10.76 5.98 -18.97
C LEU A 16 11.65 6.87 -18.11
N PRO A 17 12.66 7.57 -18.66
CA PRO A 17 13.03 7.42 -20.06
C PRO A 17 13.85 6.18 -20.37
N ALA A 18 13.81 5.72 -21.61
CA ALA A 18 14.53 4.48 -21.97
C ALA A 18 16.00 4.60 -21.62
N VAL A 19 16.44 3.78 -20.67
CA VAL A 19 17.87 3.80 -20.33
C VAL A 19 18.72 3.59 -21.57
N PHE A 20 18.24 2.78 -22.51
CA PHE A 20 18.97 2.59 -23.77
C PHE A 20 19.12 3.91 -24.52
N GLY A 21 18.17 4.83 -24.35
CA GLY A 21 18.21 6.11 -25.04
C GLY A 21 19.19 7.10 -24.47
N VAL A 22 19.82 6.77 -23.34
CA VAL A 22 20.78 7.73 -22.70
C VAL A 22 22.02 7.79 -23.61
N LEU A 23 22.28 6.73 -24.36
CA LEU A 23 23.47 6.74 -25.22
C LEU A 23 23.40 7.88 -26.22
N GLY A 24 22.21 8.11 -26.81
CA GLY A 24 22.08 9.20 -27.76
C GLY A 24 22.21 10.56 -27.11
N ARG A 25 21.50 10.77 -25.99
CA ARG A 25 21.58 12.06 -25.31
C ARG A 25 23.00 12.34 -24.84
N THR A 26 23.75 11.30 -24.47
CA THR A 26 25.13 11.51 -24.03
C THR A 26 26.01 11.95 -25.18
N GLU A 27 25.88 11.33 -26.34
CA GLU A 27 26.64 11.75 -27.51
C GLU A 27 26.40 13.24 -27.80
N GLU A 28 25.14 13.65 -27.79
CA GLU A 28 24.83 15.06 -28.08
C GLU A 28 25.43 15.97 -27.02
N ALA A 29 25.26 15.62 -25.74
CA ALA A 29 25.76 16.47 -24.68
C ALA A 29 27.28 16.47 -24.62
N LEU A 30 27.94 15.52 -25.27
CA LEU A 30 29.40 15.42 -25.26
C LEU A 30 30.03 15.74 -26.61
N ALA A 31 29.24 16.19 -27.58
CA ALA A 31 29.75 16.52 -28.90
C ALA A 31 30.45 15.33 -29.56
N LEU A 32 29.97 14.13 -29.29
CA LEU A 32 30.55 12.93 -29.87
C LEU A 32 29.87 12.58 -31.18
N PRO A 33 30.56 11.85 -32.05
CA PRO A 33 29.94 11.40 -33.30
C PRO A 33 28.66 10.61 -33.01
N ARG A 34 27.60 10.96 -33.74
CA ARG A 34 26.31 10.31 -33.52
C ARG A 34 26.44 8.81 -33.68
N GLY A 35 25.82 8.06 -32.76
CA GLY A 35 25.86 6.62 -32.77
C GLY A 35 27.14 6.00 -32.26
N LEU A 36 28.13 6.80 -31.89
CA LEU A 36 29.37 6.24 -31.37
C LEU A 36 29.12 5.40 -30.13
N LEU A 37 28.38 5.94 -29.16
CA LEU A 37 28.08 5.19 -27.95
C LEU A 37 27.17 4.01 -28.23
N ASN A 38 26.33 4.12 -29.24
CA ASN A 38 25.40 3.01 -29.60
C ASN A 38 26.20 1.85 -30.19
N ASP A 39 27.21 2.14 -31.00
CA ASP A 39 27.99 1.06 -31.61
C ASP A 39 28.80 0.32 -30.56
N ALA A 40 29.36 1.05 -29.58
CA ALA A 40 30.08 0.39 -28.51
C ALA A 40 29.18 -0.52 -27.70
N PHE A 41 27.90 -0.15 -27.56
CA PHE A 41 26.96 -0.97 -26.80
C PHE A 41 26.74 -2.33 -27.47
N GLN A 42 26.65 -2.36 -28.80
CA GLN A 42 26.35 -3.59 -29.52
C GLN A 42 27.55 -4.11 -30.33
N LYS A 43 28.76 -3.72 -29.95
CA LYS A 43 29.96 -4.14 -30.68
C LYS A 43 30.17 -5.65 -30.50
N GLY A 44 29.86 -6.45 -31.52
CA GLY A 44 30.13 -7.89 -31.45
C GLY A 44 28.87 -8.71 -31.71
N GLY A 45 27.72 -8.10 -31.56
CA GLY A 45 26.46 -8.85 -31.70
C GLY A 45 26.42 -10.04 -30.77
N PRO A 46 25.80 -11.17 -31.14
CA PRO A 46 25.69 -12.31 -30.25
C PRO A 46 26.90 -12.63 -29.43
N GLU A 47 28.09 -12.48 -30.02
CA GLU A 47 29.35 -12.84 -29.32
C GLU A 47 29.86 -11.62 -28.56
N GLY A 48 29.03 -10.59 -28.46
CA GLY A 48 29.46 -9.35 -27.79
C GLY A 48 29.28 -9.37 -26.29
N ALA A 49 29.87 -8.39 -25.64
CA ALA A 49 29.81 -8.26 -24.17
C ALA A 49 28.40 -7.93 -23.70
N THR A 50 27.65 -7.13 -24.46
CA THR A 50 26.33 -6.72 -23.93
C THR A 50 25.39 -7.89 -24.01
N THR A 51 25.61 -8.78 -24.96
CA THR A 51 24.78 -9.99 -25.06
C THR A 51 25.18 -10.92 -23.94
N ARG A 52 26.48 -11.06 -23.66
CA ARG A 52 26.88 -11.83 -22.49
C ARG A 52 26.26 -11.26 -21.22
N LEU A 53 26.16 -9.94 -21.15
CA LEU A 53 25.52 -9.30 -20.01
C LEU A 53 24.03 -9.63 -19.97
N MET A 54 23.32 -9.44 -21.08
CA MET A 54 21.88 -9.66 -21.10
C MET A 54 21.52 -11.12 -20.91
N LYS A 55 22.46 -12.05 -21.14
CA LYS A 55 22.18 -13.47 -20.99
C LYS A 55 22.50 -13.99 -19.59
N GLY A 56 23.05 -13.15 -18.72
CA GLY A 56 23.42 -13.58 -17.38
C GLY A 56 24.78 -14.22 -17.26
N GLU A 57 25.60 -14.18 -18.31
CA GLU A 57 26.92 -14.78 -18.24
C GLU A 57 27.87 -13.95 -17.38
N ILE A 58 27.72 -12.62 -17.40
CA ILE A 58 28.52 -11.73 -16.58
C ILE A 58 27.61 -10.68 -15.95
N THR A 59 28.09 -10.09 -14.86
CA THR A 59 27.34 -9.06 -14.15
C THR A 59 27.58 -7.68 -14.78
N LEU A 60 26.80 -6.70 -14.30
CA LEU A 60 26.92 -5.35 -14.83
C LEU A 60 28.28 -4.75 -14.52
N SER A 61 28.79 -4.96 -13.30
CA SER A 61 30.07 -4.39 -12.94
C SER A 61 31.21 -5.03 -13.71
N GLN A 62 31.07 -6.31 -14.09
CA GLN A 62 32.02 -6.92 -15.01
C GLN A 62 31.92 -6.29 -16.40
N TRP A 63 30.72 -5.91 -16.82
CA TRP A 63 30.52 -5.43 -18.17
C TRP A 63 30.98 -3.98 -18.36
N ILE A 64 30.94 -3.17 -17.30
CA ILE A 64 31.26 -1.75 -17.43
C ILE A 64 32.66 -1.54 -18.03
N PRO A 65 33.72 -2.13 -17.49
CA PRO A 65 35.03 -1.97 -18.14
C PRO A 65 35.07 -2.53 -19.55
N LEU A 66 34.24 -3.52 -19.88
CA LEU A 66 34.22 -4.02 -21.27
C LEU A 66 33.53 -3.04 -22.25
N MET A 67 32.50 -2.30 -21.82
CA MET A 67 31.85 -1.28 -22.68
C MET A 67 32.82 -0.12 -22.92
N GLU A 68 33.55 0.29 -21.90
CA GLU A 68 34.52 1.41 -22.01
C GLU A 68 35.57 1.08 -23.06
N GLU A 69 36.00 -0.18 -23.11
CA GLU A 69 37.00 -0.60 -24.12
C GLU A 69 36.33 -0.51 -25.50
N ASN A 70 35.11 -0.99 -25.61
CA ASN A 70 34.38 -0.93 -26.90
C ASN A 70 34.18 0.54 -27.29
N CYS A 71 34.02 1.42 -26.32
CA CYS A 71 33.84 2.88 -26.60
C CYS A 71 35.16 3.45 -27.12
N ARG A 72 36.28 2.93 -26.63
CA ARG A 72 37.61 3.45 -27.05
C ARG A 72 37.99 2.81 -28.38
N LYS A 73 37.48 1.62 -28.67
CA LYS A 73 37.76 1.05 -29.98
C LYS A 73 36.86 1.65 -31.06
N CYS A 74 35.67 2.10 -30.68
CA CYS A 74 34.78 2.75 -31.63
C CYS A 74 35.19 4.20 -31.88
N SER A 75 35.75 4.87 -30.86
CA SER A 75 36.25 6.22 -31.05
C SER A 75 37.55 6.24 -31.85
N GLU A 76 38.26 5.13 -31.90
CA GLU A 76 39.50 5.06 -32.69
C GLU A 76 39.19 5.02 -34.18
N THR A 77 38.25 4.15 -34.58
CA THR A 77 37.90 4.01 -36.00
C THR A 77 37.23 5.27 -36.55
N ALA A 78 36.58 6.06 -35.70
CA ALA A 78 35.99 7.33 -36.11
C ALA A 78 36.98 8.49 -36.00
N LYS A 79 38.18 8.25 -35.46
CA LYS A 79 39.20 9.28 -35.32
C LYS A 79 38.69 10.44 -34.46
N VAL A 80 38.18 10.07 -33.28
CA VAL A 80 37.68 11.09 -32.31
C VAL A 80 38.18 10.69 -30.93
N CYS A 81 38.72 11.63 -30.15
CA CYS A 81 39.13 11.32 -28.76
C CYS A 81 37.88 11.39 -27.87
N LEU A 82 37.95 10.78 -26.69
CA LEU A 82 36.80 10.83 -25.75
C LEU A 82 37.11 11.90 -24.68
N PRO A 83 36.11 12.39 -23.90
CA PRO A 83 36.41 13.35 -22.86
C PRO A 83 37.33 12.77 -21.80
N LYS A 84 37.61 13.55 -20.76
CA LYS A 84 38.55 13.06 -19.74
C LYS A 84 37.77 12.36 -18.62
N ASN A 85 36.67 12.97 -18.18
CA ASN A 85 35.89 12.40 -17.05
C ASN A 85 34.93 11.31 -17.56
N PHE A 86 34.99 10.98 -18.86
CA PHE A 86 34.07 10.01 -19.44
C PHE A 86 34.01 8.76 -18.57
N SER A 87 32.83 8.48 -18.03
CA SER A 87 32.64 7.32 -17.16
C SER A 87 31.36 6.61 -17.54
N ILE A 88 31.47 5.37 -18.00
CA ILE A 88 30.27 4.56 -18.35
C ILE A 88 29.38 4.39 -17.10
N LYS A 89 29.98 4.12 -15.95
CA LYS A 89 29.24 3.92 -14.69
C LYS A 89 28.45 5.17 -14.35
N GLU A 90 29.08 6.33 -14.48
CA GLU A 90 28.41 7.61 -14.19
C GLU A 90 27.21 7.74 -15.12
N ILE A 91 27.40 7.46 -16.39
CA ILE A 91 26.30 7.66 -17.32
C ILE A 91 25.16 6.70 -17.03
N PHE A 92 25.48 5.42 -16.77
CA PHE A 92 24.44 4.43 -16.52
C PHE A 92 23.80 4.63 -15.15
N ASP A 93 24.58 5.07 -14.16
CA ASP A 93 23.99 5.38 -12.87
C ASP A 93 22.94 6.48 -13.00
N LYS A 94 23.29 7.57 -13.69
CA LYS A 94 22.34 8.67 -13.87
C LYS A 94 21.11 8.20 -14.64
N ALA A 95 21.33 7.39 -15.68
CA ALA A 95 20.19 6.94 -16.50
C ALA A 95 19.27 6.02 -15.71
N ILE A 96 19.83 5.08 -14.96
CA ILE A 96 19.01 4.11 -14.23
C ILE A 96 18.17 4.81 -13.17
N SER A 97 18.78 5.74 -12.42
CA SER A 97 18.04 6.44 -11.38
C SER A 97 17.02 7.42 -11.96
N ALA A 98 17.28 7.93 -13.18
CA ALA A 98 16.33 8.82 -13.82
C ALA A 98 15.09 8.10 -14.32
N ARG A 99 15.19 6.79 -14.54
CA ARG A 99 14.08 6.03 -15.08
C ARG A 99 13.01 5.82 -14.00
N LYS A 100 11.78 6.19 -14.35
CA LYS A 100 10.65 6.08 -13.42
C LYS A 100 9.56 5.25 -14.11
N ILE A 101 8.55 4.84 -13.35
CA ILE A 101 7.48 4.01 -13.90
C ILE A 101 6.60 4.86 -14.82
N ASN A 102 6.22 4.29 -15.95
CA ASN A 102 5.27 4.93 -16.86
C ASN A 102 3.88 4.63 -16.34
N ARG A 103 3.31 5.55 -15.55
CA ARG A 103 2.06 5.25 -14.86
C ARG A 103 0.91 4.94 -15.81
N PRO A 104 0.64 5.72 -16.85
CA PRO A 104 -0.49 5.37 -17.74
C PRO A 104 -0.34 4.00 -18.39
N MET A 105 0.87 3.58 -18.71
CA MET A 105 1.08 2.23 -19.24
C MET A 105 0.78 1.18 -18.19
N LEU A 106 1.29 1.36 -16.96
CA LEU A 106 1.02 0.41 -15.89
C LEU A 106 -0.47 0.32 -15.62
N GLN A 107 -1.17 1.46 -15.67
CA GLN A 107 -2.62 1.44 -15.44
C GLN A 107 -3.33 0.58 -16.48
N ALA A 108 -2.93 0.70 -17.75
CA ALA A 108 -3.54 -0.14 -18.78
C ALA A 108 -3.32 -1.61 -18.49
N ALA A 109 -2.11 -1.98 -18.06
CA ALA A 109 -1.84 -3.38 -17.75
C ALA A 109 -2.66 -3.83 -16.56
N LEU A 110 -2.70 -3.02 -15.49
CA LEU A 110 -3.53 -3.35 -14.35
C LEU A 110 -4.98 -3.52 -14.75
N MET A 111 -5.48 -2.63 -15.61
CA MET A 111 -6.87 -2.74 -16.04
C MET A 111 -7.11 -4.03 -16.83
N LEU A 112 -6.17 -4.39 -17.71
CA LEU A 112 -6.32 -5.64 -18.46
C LEU A 112 -6.31 -6.85 -17.54
N ARG A 113 -5.46 -6.83 -16.53
CA ARG A 113 -5.45 -7.91 -15.55
C ARG A 113 -6.77 -7.98 -14.79
N LYS A 114 -7.38 -6.83 -14.52
CA LYS A 114 -8.65 -6.82 -13.80
C LYS A 114 -9.75 -7.46 -14.64
N LYS A 115 -9.73 -7.26 -15.95
CA LYS A 115 -10.72 -7.84 -16.85
C LYS A 115 -10.40 -9.28 -17.24
N GLY A 116 -9.44 -9.91 -16.57
CA GLY A 116 -9.14 -11.30 -16.80
C GLY A 116 -7.98 -11.59 -17.72
N PHE A 117 -7.09 -10.63 -17.97
CA PHE A 117 -5.92 -10.84 -18.82
C PHE A 117 -4.76 -11.40 -17.99
N THR A 118 -4.01 -12.32 -18.60
CA THR A 118 -2.74 -12.78 -18.05
C THR A 118 -1.65 -11.84 -18.54
N THR A 119 -1.14 -11.01 -17.63
CA THR A 119 -0.13 -10.01 -17.98
C THR A 119 1.26 -10.49 -17.55
N ALA A 120 2.27 -10.03 -18.29
CA ALA A 120 3.65 -10.39 -17.98
C ALA A 120 4.58 -9.32 -18.51
N ILE A 121 5.77 -9.25 -17.91
CA ILE A 121 6.85 -8.38 -18.36
C ILE A 121 7.92 -9.25 -18.99
N LEU A 122 8.40 -8.83 -20.17
CA LEU A 122 9.47 -9.52 -20.88
C LEU A 122 10.51 -8.47 -21.25
N THR A 123 11.69 -8.57 -20.66
CA THR A 123 12.69 -7.53 -20.81
C THR A 123 14.08 -8.13 -20.87
N ASN A 124 14.95 -7.48 -21.65
CA ASN A 124 16.37 -7.79 -21.67
C ASN A 124 17.03 -6.97 -20.57
N THR A 125 17.44 -7.62 -19.49
CA THR A 125 18.02 -6.92 -18.36
C THR A 125 19.25 -7.66 -17.86
N TRP A 126 19.89 -7.10 -16.84
CA TRP A 126 21.19 -7.55 -16.39
C TRP A 126 21.17 -7.85 -14.90
N LEU A 127 22.17 -8.61 -14.46
CA LEU A 127 22.41 -8.83 -13.04
C LEU A 127 23.13 -7.61 -12.47
N ASP A 128 22.42 -6.81 -11.67
CA ASP A 128 22.92 -5.52 -11.20
C ASP A 128 23.64 -5.71 -9.87
N ASP A 129 24.96 -5.52 -9.88
CA ASP A 129 25.78 -5.58 -8.67
C ASP A 129 26.43 -4.24 -8.36
N ARG A 130 25.88 -3.15 -8.91
CA ARG A 130 26.41 -1.83 -8.61
C ARG A 130 26.22 -1.51 -7.14
N ALA A 131 27.01 -0.55 -6.65
CA ALA A 131 26.83 -0.06 -5.29
C ALA A 131 25.44 0.54 -5.11
N GLU A 132 24.83 1.05 -6.18
CA GLU A 132 23.51 1.67 -6.15
C GLU A 132 22.42 0.75 -6.68
N ARG A 133 22.67 -0.56 -6.72
CA ARG A 133 21.67 -1.49 -7.26
C ARG A 133 20.33 -1.39 -6.53
N ASP A 134 20.32 -0.89 -5.29
CA ASP A 134 19.07 -0.89 -4.52
C ASP A 134 17.99 -0.09 -5.22
N GLY A 135 18.36 1.00 -5.92
CA GLY A 135 17.36 1.80 -6.60
C GLY A 135 16.55 0.98 -7.60
N LEU A 136 17.23 0.27 -8.49
CA LEU A 136 16.51 -0.53 -9.47
C LEU A 136 15.77 -1.68 -8.80
N ALA A 137 16.28 -2.18 -7.68
CA ALA A 137 15.59 -3.26 -6.98
C ALA A 137 14.20 -2.82 -6.52
N GLN A 138 14.10 -1.63 -5.94
CA GLN A 138 12.80 -1.15 -5.49
C GLN A 138 11.85 -0.96 -6.67
N LEU A 139 12.35 -0.42 -7.79
CA LEU A 139 11.48 -0.20 -8.93
C LEU A 139 10.89 -1.52 -9.43
N MET A 140 11.74 -2.56 -9.55
CA MET A 140 11.25 -3.85 -10.01
C MET A 140 10.28 -4.49 -9.02
N CYS A 141 10.52 -4.30 -7.72
CA CYS A 141 9.59 -4.80 -6.71
C CYS A 141 8.21 -4.17 -6.89
N GLU A 142 8.16 -2.84 -7.00
CA GLU A 142 6.87 -2.14 -7.16
C GLU A 142 6.16 -2.57 -8.45
N LEU A 143 6.92 -2.87 -9.50
CA LEU A 143 6.30 -3.31 -10.74
C LEU A 143 5.88 -4.78 -10.67
N LYS A 144 6.75 -5.63 -10.09
CA LYS A 144 6.52 -7.06 -10.08
C LYS A 144 5.11 -7.42 -9.64
N MET A 145 4.66 -6.83 -8.53
CA MET A 145 3.43 -7.28 -7.89
C MET A 145 2.19 -7.11 -8.77
N HIS A 146 2.28 -6.29 -9.82
CA HIS A 146 1.12 -6.00 -10.64
C HIS A 146 1.01 -6.90 -11.87
N PHE A 147 1.91 -7.87 -12.03
CA PHE A 147 1.93 -8.73 -13.20
C PHE A 147 1.98 -10.19 -12.78
N ASP A 148 1.48 -11.06 -13.65
CA ASP A 148 1.48 -12.49 -13.35
C ASP A 148 2.88 -13.10 -13.47
N PHE A 149 3.68 -12.62 -14.42
CA PHE A 149 5.01 -13.16 -14.65
C PHE A 149 5.96 -12.03 -14.98
N LEU A 150 7.21 -12.20 -14.56
CA LEU A 150 8.30 -11.31 -14.92
C LEU A 150 9.42 -12.16 -15.50
N ILE A 151 9.66 -12.04 -16.80
CA ILE A 151 10.68 -12.80 -17.50
C ILE A 151 11.86 -11.88 -17.76
N GLU A 152 12.99 -12.13 -17.08
CA GLU A 152 14.20 -11.35 -17.26
C GLU A 152 15.20 -12.15 -18.07
N SER A 153 15.81 -11.49 -19.06
CA SER A 153 16.75 -12.19 -19.94
C SER A 153 17.88 -12.84 -19.14
N CYS A 154 18.51 -12.07 -18.24
CA CYS A 154 19.66 -12.58 -17.52
C CYS A 154 19.29 -13.73 -16.58
N GLN A 155 18.01 -13.93 -16.32
CA GLN A 155 17.58 -15.03 -15.46
C GLN A 155 17.23 -16.29 -16.24
N VAL A 156 16.94 -16.17 -17.53
CA VAL A 156 16.58 -17.33 -18.35
C VAL A 156 17.67 -17.69 -19.35
N GLY A 157 18.74 -16.91 -19.45
CA GLY A 157 19.82 -17.20 -20.38
C GLY A 157 19.50 -16.94 -21.83
N MET A 158 18.37 -16.31 -22.14
CA MET A 158 17.98 -15.99 -23.51
C MET A 158 17.66 -14.50 -23.60
N VAL A 159 17.79 -13.95 -24.80
CA VAL A 159 17.56 -12.53 -25.01
C VAL A 159 16.64 -12.31 -26.22
N LYS A 160 15.92 -11.20 -26.20
CA LYS A 160 15.27 -10.74 -27.42
C LYS A 160 16.34 -10.27 -28.40
N PRO A 161 16.16 -10.51 -29.71
CA PRO A 161 15.00 -11.12 -30.37
C PRO A 161 15.13 -12.60 -30.69
N GLU A 162 16.02 -13.35 -30.05
CA GLU A 162 16.13 -14.77 -30.33
C GLU A 162 14.77 -15.43 -30.14
N PRO A 163 14.28 -16.19 -31.12
CA PRO A 163 12.92 -16.72 -31.03
C PRO A 163 12.73 -17.74 -29.90
N GLN A 164 13.78 -18.18 -29.24
CA GLN A 164 13.62 -19.13 -28.15
C GLN A 164 12.97 -18.47 -26.93
N ILE A 165 13.33 -17.22 -26.63
CA ILE A 165 12.72 -16.55 -25.50
C ILE A 165 11.23 -16.30 -25.75
N TYR A 166 10.85 -16.07 -27.02
CA TYR A 166 9.44 -15.92 -27.33
C TYR A 166 8.71 -17.25 -27.15
N LYS A 167 9.35 -18.35 -27.52
CA LYS A 167 8.76 -19.66 -27.27
C LYS A 167 8.72 -19.97 -25.78
N PHE A 168 9.66 -19.41 -25.00
CA PHE A 168 9.62 -19.58 -23.55
C PHE A 168 8.47 -18.80 -22.94
N LEU A 169 8.25 -17.57 -23.40
CA LEU A 169 7.13 -16.78 -22.88
C LEU A 169 5.81 -17.47 -23.15
N LEU A 170 5.64 -18.04 -24.35
CA LEU A 170 4.39 -18.70 -24.69
C LEU A 170 4.12 -19.90 -23.78
N ASP A 171 5.17 -20.67 -23.47
CA ASP A 171 4.99 -21.81 -22.58
C ASP A 171 4.69 -21.37 -21.16
N THR A 172 5.25 -20.23 -20.73
CA THR A 172 4.91 -19.70 -19.42
C THR A 172 3.49 -19.17 -19.39
N LEU A 173 3.07 -18.51 -20.48
CA LEU A 173 1.71 -17.98 -20.55
C LEU A 173 0.66 -19.06 -20.71
N LYS A 174 1.05 -20.24 -21.18
CA LYS A 174 0.08 -21.30 -21.49
C LYS A 174 -0.96 -20.80 -22.48
N ALA A 175 -0.49 -20.12 -23.52
CA ALA A 175 -1.36 -19.54 -24.53
C ALA A 175 -0.73 -19.65 -25.89
N SER A 176 -1.57 -19.70 -26.93
CA SER A 176 -1.09 -19.72 -28.30
C SER A 176 -0.75 -18.32 -28.78
N PRO A 177 0.07 -18.19 -29.82
CA PRO A 177 0.48 -16.85 -30.27
C PRO A 177 -0.69 -15.95 -30.64
N SER A 178 -1.81 -16.52 -31.10
CA SER A 178 -2.94 -15.72 -31.56
C SER A 178 -3.64 -14.98 -30.44
N GLU A 179 -3.52 -15.46 -29.19
CA GLU A 179 -4.21 -14.83 -28.06
C GLU A 179 -3.25 -14.04 -27.19
N VAL A 180 -2.19 -13.49 -27.77
CA VAL A 180 -1.18 -12.74 -27.03
C VAL A 180 -0.86 -11.46 -27.79
N VAL A 181 -0.83 -10.34 -27.06
CA VAL A 181 -0.39 -9.06 -27.59
C VAL A 181 0.90 -8.67 -26.86
N PHE A 182 1.89 -8.22 -27.62
CA PHE A 182 3.21 -7.88 -27.09
C PHE A 182 3.54 -6.46 -27.48
N LEU A 183 4.04 -5.67 -26.54
CA LEU A 183 4.40 -4.28 -26.76
C LEU A 183 5.89 -4.11 -26.49
N ASP A 184 6.58 -3.39 -27.39
CA ASP A 184 8.01 -3.16 -27.25
C ASP A 184 8.36 -1.87 -27.99
N ASP A 185 9.43 -1.21 -27.55
CA ASP A 185 9.87 0.02 -28.18
C ASP A 185 10.89 -0.22 -29.30
N ILE A 186 11.33 -1.45 -29.49
CA ILE A 186 12.31 -1.80 -30.52
C ILE A 186 11.62 -2.71 -31.52
N GLY A 187 11.60 -2.29 -32.79
CA GLY A 187 10.90 -3.06 -33.81
C GLY A 187 11.49 -4.44 -34.04
N ALA A 188 12.82 -4.55 -33.98
CA ALA A 188 13.46 -5.84 -34.13
C ALA A 188 12.89 -6.86 -33.14
N ASN A 189 12.51 -6.39 -31.96
CA ASN A 189 12.02 -7.31 -30.90
C ASN A 189 10.58 -7.77 -31.18
N LEU A 190 9.93 -7.25 -32.22
CA LEU A 190 8.51 -7.59 -32.49
C LEU A 190 8.37 -8.55 -33.68
N LYS A 191 9.33 -8.55 -34.58
CA LYS A 191 9.29 -9.45 -35.76
C LYS A 191 9.15 -10.92 -35.32
N PRO A 192 10.00 -11.47 -34.43
CA PRO A 192 9.86 -12.85 -34.05
C PRO A 192 8.46 -13.08 -33.59
N ALA A 193 7.95 -12.18 -32.77
CA ALA A 193 6.58 -12.28 -32.23
C ALA A 193 5.56 -12.29 -33.36
N ARG A 194 5.66 -11.31 -34.27
CA ARG A 194 4.77 -11.36 -35.43
C ARG A 194 4.90 -12.69 -36.16
N ASP A 195 6.13 -13.15 -36.38
CA ASP A 195 6.35 -14.41 -37.10
C ASP A 195 5.55 -15.55 -36.48
N LEU A 196 5.54 -15.62 -35.14
CA LEU A 196 4.73 -16.64 -34.47
C LEU A 196 3.25 -16.36 -34.59
N GLY A 197 2.86 -15.15 -34.97
CA GLY A 197 1.48 -14.79 -35.16
C GLY A 197 0.84 -13.97 -34.06
N MET A 198 1.64 -13.42 -33.14
CA MET A 198 1.08 -12.64 -32.04
C MET A 198 0.80 -11.21 -32.47
N VAL A 199 -0.21 -10.61 -31.83
CA VAL A 199 -0.50 -9.20 -32.04
C VAL A 199 0.64 -8.37 -31.47
N THR A 200 1.11 -7.40 -32.24
CA THR A 200 2.29 -6.63 -31.88
C THR A 200 1.98 -5.14 -31.97
N ILE A 201 2.63 -4.37 -31.10
CA ILE A 201 2.43 -2.93 -31.05
C ILE A 201 3.79 -2.27 -30.85
N LEU A 202 4.19 -1.42 -31.79
CA LEU A 202 5.42 -0.65 -31.65
C LEU A 202 5.12 0.58 -30.80
N VAL A 203 5.79 0.68 -29.66
CA VAL A 203 5.52 1.71 -28.67
C VAL A 203 6.53 2.83 -28.89
N GLN A 204 6.08 3.93 -29.50
CA GLN A 204 6.86 5.15 -29.56
C GLN A 204 6.38 6.16 -28.51
N ASP A 205 5.14 6.60 -28.63
CA ASP A 205 4.50 7.40 -27.59
C ASP A 205 3.42 6.55 -26.91
N THR A 206 3.24 6.79 -25.62
CA THR A 206 2.37 5.94 -24.82
C THR A 206 0.92 6.01 -25.30
N ASP A 207 0.41 7.22 -25.51
CA ASP A 207 -1.00 7.39 -25.83
C ASP A 207 -1.37 6.69 -27.13
N THR A 208 -0.50 6.75 -28.15
CA THR A 208 -0.79 6.08 -29.40
C THR A 208 -0.76 4.56 -29.23
N ALA A 209 0.21 4.04 -28.47
CA ALA A 209 0.25 2.62 -28.20
C ALA A 209 -0.99 2.16 -27.46
N LEU A 210 -1.42 2.92 -26.45
CA LEU A 210 -2.62 2.54 -25.71
C LEU A 210 -3.84 2.57 -26.62
N LYS A 211 -3.87 3.49 -27.58
CA LYS A 211 -4.97 3.53 -28.54
C LYS A 211 -5.00 2.26 -29.39
N GLU A 212 -3.82 1.84 -29.87
CA GLU A 212 -3.74 0.56 -30.59
C GLU A 212 -4.14 -0.60 -29.68
N LEU A 213 -3.63 -0.60 -28.45
CA LEU A 213 -3.99 -1.69 -27.52
C LEU A 213 -5.48 -1.68 -27.23
N GLU A 214 -6.07 -0.49 -27.14
CA GLU A 214 -7.52 -0.39 -26.93
C GLU A 214 -8.28 -1.09 -28.04
N LYS A 215 -7.83 -0.89 -29.29
CA LYS A 215 -8.56 -1.45 -30.43
C LYS A 215 -8.48 -2.97 -30.45
N VAL A 216 -7.27 -3.53 -30.28
CA VAL A 216 -7.13 -4.97 -30.39
C VAL A 216 -7.81 -5.69 -29.24
N THR A 217 -7.87 -5.06 -28.06
CA THR A 217 -8.50 -5.70 -26.90
C THR A 217 -9.97 -5.36 -26.75
N GLY A 218 -10.45 -4.29 -27.38
CA GLY A 218 -11.82 -3.86 -27.19
C GLY A 218 -12.12 -3.42 -25.77
N ILE A 219 -11.12 -2.90 -25.06
CA ILE A 219 -11.26 -2.47 -23.68
C ILE A 219 -10.71 -1.06 -23.56
N GLN A 220 -11.46 -0.18 -22.90
CA GLN A 220 -11.01 1.20 -22.72
C GLN A 220 -9.85 1.23 -21.74
N LEU A 221 -8.69 1.70 -22.21
CA LEU A 221 -7.51 1.82 -21.37
C LEU A 221 -7.00 3.25 -21.23
N LEU A 222 -7.19 4.11 -22.23
CA LEU A 222 -6.74 5.49 -22.18
C LEU A 222 -7.81 6.37 -21.57
N ASN A 223 -7.39 7.34 -20.75
CA ASN A 223 -8.30 8.30 -20.14
C ASN A 223 -9.30 7.66 -19.17
N THR A 224 -9.08 6.41 -18.80
CA THR A 224 -9.96 5.75 -17.84
C THR A 224 -9.83 6.40 -16.47
N PRO A 225 -10.85 6.23 -15.62
CA PRO A 225 -10.83 6.87 -14.30
C PRO A 225 -9.63 6.41 -13.48
N ALA A 226 -9.24 7.26 -12.54
CA ALA A 226 -8.14 6.95 -11.64
C ALA A 226 -8.50 5.73 -10.79
N PRO A 227 -7.69 4.69 -10.79
CA PRO A 227 -8.04 3.48 -10.02
C PRO A 227 -7.79 3.68 -8.54
N LEU A 228 -8.39 2.78 -7.75
CA LEU A 228 -8.14 2.80 -6.32
C LEU A 228 -6.70 2.38 -6.03
N PRO A 229 -6.12 2.85 -4.93
CA PRO A 229 -4.79 2.39 -4.55
C PRO A 229 -4.76 0.87 -4.41
N THR A 230 -3.55 0.31 -4.53
CA THR A 230 -3.37 -1.13 -4.40
C THR A 230 -3.88 -1.62 -3.05
N SER A 231 -4.64 -2.71 -3.07
CA SER A 231 -5.14 -3.35 -1.87
C SER A 231 -4.28 -4.57 -1.53
N CYS A 232 -4.57 -5.19 -0.38
CA CYS A 232 -3.84 -6.36 0.10
C CYS A 232 -4.63 -7.64 -0.12
N ASN A 233 -3.92 -8.69 -0.53
CA ASN A 233 -4.48 -10.03 -0.47
C ASN A 233 -4.03 -10.69 0.82
N PRO A 234 -4.93 -11.05 1.73
CA PRO A 234 -4.49 -11.55 3.05
C PRO A 234 -3.47 -12.68 2.96
N SER A 235 -3.64 -13.62 2.03
CA SER A 235 -2.75 -14.76 1.92
C SER A 235 -1.41 -14.42 1.26
N ASP A 236 -1.23 -13.18 0.81
CA ASP A 236 0.04 -12.71 0.26
C ASP A 236 0.85 -11.92 1.29
N MET A 237 0.36 -11.76 2.51
CA MET A 237 1.04 -10.93 3.49
C MET A 237 1.88 -11.76 4.43
N SER A 238 2.89 -11.12 5.00
CA SER A 238 3.60 -11.67 6.14
C SER A 238 2.75 -11.48 7.39
N HIS A 239 2.54 -12.58 8.13
CA HIS A 239 1.71 -12.58 9.35
C HIS A 239 2.60 -12.78 10.57
N GLY A 240 2.50 -11.87 11.54
CA GLY A 240 3.36 -11.88 12.72
C GLY A 240 2.54 -12.10 13.97
N TYR A 241 3.14 -12.81 14.94
CA TYR A 241 2.48 -13.18 16.18
C TYR A 241 3.42 -12.96 17.35
N VAL A 242 2.98 -12.17 18.33
CA VAL A 242 3.80 -11.82 19.48
C VAL A 242 2.99 -12.07 20.74
N THR A 243 3.50 -12.94 21.62
CA THR A 243 2.89 -13.20 22.91
C THR A 243 3.33 -12.10 23.87
N VAL A 244 2.43 -11.18 24.23
CA VAL A 244 2.77 -10.10 25.15
C VAL A 244 2.52 -10.48 26.59
N LYS A 245 1.84 -11.59 26.84
CA LYS A 245 1.39 -11.97 28.17
C LYS A 245 1.06 -13.46 28.14
N PRO A 246 1.17 -14.16 29.26
CA PRO A 246 0.96 -15.61 29.28
C PRO A 246 -0.12 -16.13 28.33
N ARG A 247 -1.33 -15.59 28.39
CA ARG A 247 -2.41 -16.09 27.55
C ARG A 247 -2.95 -15.00 26.62
N VAL A 248 -2.11 -14.08 26.18
CA VAL A 248 -2.52 -13.01 25.27
C VAL A 248 -1.48 -12.87 24.17
N ARG A 249 -1.90 -13.13 22.94
CA ARG A 249 -1.03 -13.01 21.77
C ARG A 249 -1.59 -11.96 20.83
N LEU A 250 -0.72 -11.10 20.32
CA LEU A 250 -1.10 -10.10 19.33
C LEU A 250 -0.67 -10.57 17.94
N HIS A 251 -1.57 -10.43 16.97
CA HIS A 251 -1.30 -10.73 15.57
C HIS A 251 -1.27 -9.45 14.76
N PHE A 252 -0.33 -9.36 13.83
CA PHE A 252 -0.19 -8.19 12.97
C PHE A 252 0.26 -8.64 11.58
N VAL A 253 0.06 -7.73 10.62
CA VAL A 253 0.53 -7.89 9.24
C VAL A 253 1.67 -6.89 9.03
N GLU A 254 2.73 -7.33 8.38
CA GLU A 254 3.95 -6.54 8.25
C GLU A 254 4.35 -6.40 6.79
N LEU A 255 4.75 -5.18 6.40
CA LEU A 255 5.15 -4.94 5.02
C LEU A 255 6.01 -3.69 4.96
N GLY A 256 7.09 -3.76 4.19
CA GLY A 256 7.94 -2.63 3.94
C GLY A 256 9.13 -2.56 4.88
N SER A 257 9.99 -1.58 4.62
CA SER A 257 11.18 -1.34 5.43
C SER A 257 11.30 0.15 5.73
N GLY A 258 12.02 0.47 6.79
CA GLY A 258 12.16 1.84 7.23
C GLY A 258 11.61 2.04 8.63
N PRO A 259 11.29 3.28 8.98
CA PRO A 259 10.73 3.53 10.32
C PRO A 259 9.43 2.77 10.54
N ALA A 260 9.26 2.24 11.75
CA ALA A 260 8.09 1.43 12.03
C ALA A 260 6.85 2.31 12.16
N VAL A 261 5.78 1.91 11.48
CA VAL A 261 4.50 2.60 11.52
C VAL A 261 3.45 1.57 11.92
N CYS A 262 2.85 1.77 13.09
CA CYS A 262 1.89 0.82 13.65
C CYS A 262 0.47 1.36 13.45
N LEU A 263 -0.36 0.60 12.73
CA LEU A 263 -1.73 0.98 12.42
C LEU A 263 -2.71 0.29 13.37
N CYS A 264 -3.58 1.07 14.00
CA CYS A 264 -4.52 0.56 15.01
C CYS A 264 -5.96 0.86 14.58
N HIS A 265 -6.71 -0.19 14.25
CA HIS A 265 -8.08 -0.04 13.76
C HIS A 265 -9.04 0.22 14.91
N GLY A 266 -10.32 0.41 14.56
CA GLY A 266 -11.35 0.66 15.55
C GLY A 266 -12.45 -0.39 15.59
N PHE A 267 -13.61 -0.01 16.09
CA PHE A 267 -14.72 -0.94 16.27
C PHE A 267 -15.66 -0.88 15.08
N PRO A 268 -16.05 -2.03 14.51
CA PRO A 268 -15.60 -3.38 14.81
C PRO A 268 -14.78 -3.87 13.63
N GLU A 269 -13.48 -3.67 13.60
CA GLU A 269 -12.77 -3.81 12.34
C GLU A 269 -11.66 -4.85 12.39
N SER A 270 -10.51 -4.54 11.78
CA SER A 270 -9.48 -5.53 11.51
C SER A 270 -8.25 -4.83 10.96
N TRP A 271 -7.14 -5.56 10.91
CA TRP A 271 -6.00 -5.09 10.14
C TRP A 271 -6.38 -4.85 8.68
N TYR A 272 -7.28 -5.67 8.14
CA TYR A 272 -7.73 -5.54 6.76
C TYR A 272 -8.35 -4.17 6.46
N SER A 273 -8.77 -3.44 7.50
CA SER A 273 -9.30 -2.10 7.30
C SER A 273 -8.25 -1.13 6.75
N TRP A 274 -6.96 -1.46 6.89
CA TRP A 274 -5.88 -0.66 6.33
C TRP A 274 -5.39 -1.19 4.98
N ARG A 275 -6.19 -2.04 4.31
CA ARG A 275 -5.70 -2.70 3.10
C ARG A 275 -5.22 -1.71 2.05
N TYR A 276 -5.85 -0.54 1.96
CA TYR A 276 -5.47 0.46 0.95
C TYR A 276 -4.28 1.31 1.38
N GLN A 277 -3.94 1.32 2.66
CA GLN A 277 -2.81 2.09 3.17
C GLN A 277 -1.53 1.28 3.25
N ILE A 278 -1.62 -0.02 3.59
CA ILE A 278 -0.40 -0.81 3.84
C ILE A 278 0.54 -0.79 2.66
N PRO A 279 0.12 -1.11 1.43
CA PRO A 279 1.06 -1.06 0.30
C PRO A 279 1.59 0.34 0.04
N ALA A 280 0.73 1.36 0.08
CA ALA A 280 1.17 2.72 -0.16
C ALA A 280 2.22 3.16 0.85
N LEU A 281 1.95 2.97 2.14
CA LEU A 281 2.90 3.40 3.17
C LEU A 281 4.23 2.68 3.03
N ALA A 282 4.19 1.37 2.74
CA ALA A 282 5.44 0.64 2.53
C ALA A 282 6.17 1.19 1.33
N GLN A 283 5.44 1.40 0.22
CA GLN A 283 6.04 1.99 -0.98
C GLN A 283 6.66 3.35 -0.69
N ALA A 284 6.09 4.10 0.27
CA ALA A 284 6.62 5.42 0.61
C ALA A 284 7.87 5.35 1.48
N GLY A 285 8.32 4.17 1.87
CA GLY A 285 9.57 4.03 2.61
C GLY A 285 9.41 3.77 4.09
N TYR A 286 8.38 3.03 4.48
CA TYR A 286 8.11 2.77 5.88
C TYR A 286 7.86 1.29 6.11
N ARG A 287 8.12 0.86 7.35
CA ARG A 287 7.84 -0.50 7.80
C ARG A 287 6.47 -0.49 8.49
N VAL A 288 5.47 -1.01 7.79
CA VAL A 288 4.09 -0.96 8.26
C VAL A 288 3.79 -2.22 9.07
N LEU A 289 3.25 -2.03 10.26
CA LEU A 289 2.73 -3.12 11.09
C LEU A 289 1.24 -2.86 11.32
N ALA A 290 0.40 -3.56 10.56
CA ALA A 290 -1.05 -3.45 10.72
C ALA A 290 -1.45 -4.46 11.78
N MET A 291 -2.13 -3.99 12.81
CA MET A 291 -2.39 -4.89 13.95
C MET A 291 -3.81 -5.42 14.02
N ASP A 292 -3.95 -6.64 14.53
CA ASP A 292 -5.29 -7.13 14.89
C ASP A 292 -5.35 -6.72 16.36
N MET A 293 -6.18 -5.76 16.69
CA MET A 293 -6.19 -5.21 18.07
C MET A 293 -6.72 -6.26 19.04
N LYS A 294 -6.31 -6.14 20.29
CA LYS A 294 -6.76 -7.12 21.28
C LYS A 294 -8.27 -7.34 21.18
N GLY A 295 -8.67 -8.61 21.09
CA GLY A 295 -10.05 -8.99 20.95
C GLY A 295 -10.51 -9.28 19.53
N TYR A 296 -9.67 -9.01 18.53
CA TYR A 296 -10.10 -9.09 17.14
C TYR A 296 -9.28 -10.13 16.38
N GLY A 297 -9.92 -10.72 15.37
CA GLY A 297 -9.20 -11.52 14.39
C GLY A 297 -8.36 -12.58 15.05
N GLU A 298 -7.09 -12.62 14.66
CA GLU A 298 -6.15 -13.64 15.14
C GLU A 298 -5.48 -13.27 16.45
N SER A 299 -5.71 -12.06 16.96
CA SER A 299 -5.23 -11.71 18.28
C SER A 299 -6.09 -12.40 19.35
N SER A 300 -5.49 -12.58 20.52
CA SER A 300 -6.20 -13.21 21.61
C SER A 300 -7.38 -12.34 22.06
N ALA A 301 -8.43 -13.00 22.55
CA ALA A 301 -9.64 -12.33 23.03
C ALA A 301 -10.04 -12.91 24.38
N PRO A 302 -9.35 -12.54 25.45
CA PRO A 302 -9.78 -12.98 26.77
C PRO A 302 -11.13 -12.37 27.12
N PRO A 303 -11.96 -13.08 27.89
CA PRO A 303 -13.32 -12.59 28.15
C PRO A 303 -13.41 -11.48 29.20
N GLU A 304 -12.43 -11.36 30.08
CA GLU A 304 -12.53 -10.42 31.20
C GLU A 304 -12.60 -8.98 30.70
N ILE A 305 -13.50 -8.19 31.29
CA ILE A 305 -13.71 -6.83 30.83
C ILE A 305 -12.48 -5.97 31.09
N GLU A 306 -11.85 -6.15 32.26
CA GLU A 306 -10.72 -5.31 32.64
C GLU A 306 -9.52 -5.48 31.70
N GLU A 307 -9.46 -6.59 30.96
CA GLU A 307 -8.38 -6.80 30.00
C GLU A 307 -8.40 -5.80 28.85
N TYR A 308 -9.45 -4.99 28.75
CA TYR A 308 -9.64 -4.09 27.62
C TYR A 308 -9.69 -2.61 28.03
N CYS A 309 -9.37 -2.30 29.28
CA CYS A 309 -9.25 -0.90 29.66
C CYS A 309 -8.02 -0.30 29.01
N MET A 310 -8.06 1.01 28.78
CA MET A 310 -7.01 1.67 27.99
C MET A 310 -5.64 1.45 28.62
N GLU A 311 -5.56 1.42 29.95
CA GLU A 311 -4.26 1.23 30.59
C GLU A 311 -3.65 -0.11 30.23
N VAL A 312 -4.45 -1.18 30.24
CA VAL A 312 -3.91 -2.50 29.93
C VAL A 312 -3.58 -2.60 28.46
N LEU A 313 -4.44 -2.06 27.59
CA LEU A 313 -4.17 -2.12 26.16
C LEU A 313 -2.89 -1.38 25.80
N CYS A 314 -2.67 -0.20 26.41
CA CYS A 314 -1.47 0.55 26.11
C CYS A 314 -0.23 -0.17 26.63
N LYS A 315 -0.28 -0.70 27.87
CA LYS A 315 0.82 -1.51 28.38
C LYS A 315 1.19 -2.61 27.39
N GLU A 316 0.19 -3.31 26.88
CA GLU A 316 0.48 -4.45 26.00
C GLU A 316 1.12 -3.97 24.70
N MET A 317 0.68 -2.83 24.17
CA MET A 317 1.31 -2.28 22.98
C MET A 317 2.78 -1.97 23.23
N VAL A 318 3.11 -1.51 24.44
CA VAL A 318 4.52 -1.28 24.79
C VAL A 318 5.29 -2.58 24.80
N THR A 319 4.74 -3.60 25.47
CA THR A 319 5.36 -4.92 25.45
C THR A 319 5.51 -5.45 24.03
N PHE A 320 4.53 -5.15 23.17
CA PHE A 320 4.60 -5.53 21.77
C PHE A 320 5.86 -4.96 21.12
N LEU A 321 6.10 -3.66 21.30
CA LEU A 321 7.32 -3.05 20.82
C LEU A 321 8.56 -3.72 21.42
N ASP A 322 8.53 -4.00 22.73
CA ASP A 322 9.68 -4.60 23.41
C ASP A 322 10.02 -5.96 22.79
N LYS A 323 9.04 -6.85 22.68
CA LYS A 323 9.30 -8.17 22.14
C LYS A 323 9.80 -8.10 20.71
N LEU A 324 9.38 -7.10 19.94
CA LEU A 324 9.82 -6.96 18.57
C LEU A 324 11.17 -6.25 18.45
N GLY A 325 11.71 -5.74 19.54
CA GLY A 325 12.96 -5.00 19.50
C GLY A 325 12.85 -3.57 19.02
N LEU A 326 11.66 -2.99 19.04
CA LEU A 326 11.42 -1.65 18.52
C LEU A 326 11.44 -0.65 19.66
N SER A 327 12.41 0.26 19.63
CA SER A 327 12.45 1.27 20.68
C SER A 327 11.38 2.34 20.46
N GLN A 328 10.97 2.55 19.21
CA GLN A 328 9.96 3.55 18.89
C GLN A 328 9.13 3.04 17.73
N ALA A 329 7.94 3.65 17.58
CA ALA A 329 7.13 3.44 16.39
C ALA A 329 6.19 4.61 16.23
N VAL A 330 5.85 4.91 14.98
CA VAL A 330 4.77 5.84 14.69
C VAL A 330 3.45 5.13 14.91
N PHE A 331 2.54 5.77 15.64
CA PHE A 331 1.24 5.18 15.94
C PHE A 331 0.16 5.94 15.20
N ILE A 332 -0.59 5.22 14.35
CA ILE A 332 -1.70 5.79 13.60
C ILE A 332 -2.94 4.97 13.94
N GLY A 333 -3.95 5.65 14.49
CA GLY A 333 -5.16 4.97 14.91
C GLY A 333 -6.41 5.58 14.29
N HIS A 334 -7.48 4.80 14.29
CA HIS A 334 -8.77 5.23 13.80
C HIS A 334 -9.86 4.75 14.76
N ASP A 335 -10.86 5.60 15.01
CA ASP A 335 -11.97 5.26 15.91
C ASP A 335 -11.35 4.87 17.25
N TRP A 336 -11.70 3.71 17.83
CA TRP A 336 -11.13 3.33 19.11
C TRP A 336 -9.60 3.26 19.05
N GLY A 337 -9.06 2.82 17.91
CA GLY A 337 -7.61 2.80 17.77
C GLY A 337 -7.01 4.19 17.87
N GLY A 338 -7.74 5.20 17.38
CA GLY A 338 -7.27 6.58 17.53
C GLY A 338 -7.20 7.00 18.99
N MET A 339 -8.24 6.68 19.76
CA MET A 339 -8.22 6.93 21.20
C MET A 339 -7.01 6.26 21.84
N LEU A 340 -6.69 5.03 21.42
CA LEU A 340 -5.55 4.31 21.97
C LEU A 340 -4.25 5.07 21.71
N VAL A 341 -4.07 5.61 20.51
CA VAL A 341 -2.79 6.22 20.18
C VAL A 341 -2.61 7.55 20.90
N TRP A 342 -3.69 8.30 21.13
CA TRP A 342 -3.55 9.55 21.88
C TRP A 342 -2.97 9.29 23.27
N TYR A 343 -3.45 8.23 23.93
CA TYR A 343 -2.97 7.93 25.27
C TYR A 343 -1.62 7.23 25.27
N MET A 344 -1.26 6.57 24.16
CA MET A 344 0.12 6.12 23.99
C MET A 344 1.07 7.31 24.02
N ALA A 345 0.69 8.40 23.36
CA ALA A 345 1.54 9.59 23.34
C ALA A 345 1.57 10.28 24.71
N LEU A 346 0.50 10.15 25.50
CA LEU A 346 0.43 10.81 26.82
C LEU A 346 1.15 10.03 27.91
N PHE A 347 1.26 8.71 27.78
CA PHE A 347 1.82 7.86 28.81
C PHE A 347 3.14 7.19 28.45
N TYR A 348 3.50 7.14 27.16
CA TYR A 348 4.75 6.52 26.72
C TYR A 348 5.34 7.31 25.56
N PRO A 349 5.61 8.59 25.76
CA PRO A 349 6.13 9.41 24.66
C PRO A 349 7.46 8.92 24.13
N GLU A 350 8.28 8.31 24.99
CA GLU A 350 9.59 7.85 24.56
C GLU A 350 9.50 6.72 23.53
N ARG A 351 8.38 6.00 23.50
CA ARG A 351 8.18 4.90 22.58
C ARG A 351 7.40 5.30 21.33
N VAL A 352 6.96 6.55 21.24
CA VAL A 352 6.12 7.00 20.15
C VAL A 352 6.92 8.01 19.32
N ARG A 353 7.33 7.61 18.12
CA ARG A 353 8.01 8.52 17.22
C ARG A 353 7.07 9.64 16.77
N ALA A 354 5.82 9.32 16.51
CA ALA A 354 4.80 10.29 16.13
C ALA A 354 3.45 9.63 16.29
N VAL A 355 2.42 10.46 16.37
CA VAL A 355 1.06 9.98 16.62
C VAL A 355 0.11 10.68 15.65
N ALA A 356 -0.76 9.91 15.01
CA ALA A 356 -1.79 10.45 14.16
C ALA A 356 -3.09 9.71 14.41
N SER A 357 -4.20 10.45 14.37
CA SER A 357 -5.53 9.89 14.56
C SER A 357 -6.42 10.29 13.41
N LEU A 358 -7.23 9.35 12.92
CA LEU A 358 -8.28 9.61 11.94
C LEU A 358 -9.62 9.65 12.68
N ASN A 359 -10.34 10.77 12.54
CA ASN A 359 -11.68 10.98 13.07
C ASN A 359 -11.69 11.19 14.58
N THR A 360 -10.91 10.39 15.32
CA THR A 360 -10.95 10.40 16.78
C THR A 360 -10.20 11.58 17.37
N PRO A 361 -10.89 12.52 18.00
CA PRO A 361 -10.21 13.69 18.59
C PRO A 361 -9.68 13.36 19.98
N PHE A 362 -8.80 14.23 20.46
CA PHE A 362 -8.30 14.14 21.82
C PHE A 362 -9.12 15.09 22.69
N ILE A 363 -9.94 14.53 23.57
CA ILE A 363 -10.75 15.29 24.52
C ILE A 363 -10.24 14.96 25.92
N PRO A 364 -9.72 15.93 26.66
CA PRO A 364 -9.25 15.62 28.02
C PRO A 364 -10.41 15.24 28.93
N ALA A 365 -10.14 14.26 29.80
CA ALA A 365 -11.16 13.81 30.75
C ALA A 365 -11.64 14.97 31.60
N ASN A 366 -12.91 14.89 32.01
CA ASN A 366 -13.48 15.90 32.90
C ASN A 366 -13.31 15.42 34.34
N PRO A 367 -12.47 16.07 35.15
CA PRO A 367 -12.27 15.61 36.53
C PRO A 367 -13.54 15.67 37.36
N ASN A 368 -14.58 16.37 36.90
CA ASN A 368 -15.83 16.48 37.64
C ASN A 368 -16.81 15.39 37.23
N MET A 369 -17.42 15.54 36.07
CA MET A 369 -18.42 14.59 35.61
C MET A 369 -17.77 13.31 35.11
N SER A 370 -18.41 12.15 35.43
CA SER A 370 -17.96 10.84 35.01
C SER A 370 -18.53 10.49 33.64
N PRO A 371 -17.80 9.70 32.85
CA PRO A 371 -18.31 9.32 31.51
C PRO A 371 -19.71 8.74 31.53
N LEU A 372 -20.04 7.90 32.52
CA LEU A 372 -21.38 7.32 32.57
C LEU A 372 -22.45 8.39 32.74
N GLU A 373 -22.13 9.46 33.47
CA GLU A 373 -23.07 10.57 33.60
C GLU A 373 -23.28 11.27 32.25
N SER A 374 -22.21 11.44 31.48
CA SER A 374 -22.30 12.17 30.22
C SER A 374 -23.00 11.36 29.14
N ILE A 375 -22.77 10.04 29.10
CA ILE A 375 -23.43 9.23 28.08
C ILE A 375 -24.93 9.20 28.30
N LYS A 376 -25.38 9.38 29.54
CA LYS A 376 -26.80 9.51 29.82
C LYS A 376 -27.30 10.93 29.65
N ALA A 377 -26.45 11.92 29.98
CA ALA A 377 -26.78 13.33 29.78
C ALA A 377 -26.78 13.73 28.31
N ASN A 378 -26.43 12.81 27.40
CA ASN A 378 -26.48 13.07 25.97
C ASN A 378 -27.03 11.83 25.28
N PRO A 379 -28.35 11.73 25.12
CA PRO A 379 -28.94 10.54 24.50
C PRO A 379 -28.35 10.18 23.14
N VAL A 380 -27.53 11.05 22.53
CA VAL A 380 -26.87 10.70 21.27
C VAL A 380 -25.97 9.47 21.45
N PHE A 381 -25.40 9.30 22.64
CA PHE A 381 -24.55 8.15 22.96
C PHE A 381 -25.35 6.97 23.51
N ASP A 382 -26.62 6.84 23.14
CA ASP A 382 -27.46 5.78 23.70
C ASP A 382 -26.94 4.40 23.34
N TYR A 383 -26.37 4.24 22.14
CA TYR A 383 -25.84 2.93 21.75
C TYR A 383 -24.72 2.50 22.68
N GLN A 384 -23.94 3.44 23.22
CA GLN A 384 -22.90 3.07 24.17
C GLN A 384 -23.50 2.51 25.45
N LEU A 385 -24.68 3.00 25.84
CA LEU A 385 -25.39 2.40 26.97
C LEU A 385 -25.89 1.01 26.62
N TYR A 386 -26.31 0.81 25.37
CA TYR A 386 -26.74 -0.50 24.93
C TYR A 386 -25.60 -1.51 24.92
N PHE A 387 -24.36 -1.03 24.74
CA PHE A 387 -23.19 -1.90 24.71
C PHE A 387 -22.70 -2.28 26.11
N GLN A 388 -23.28 -1.74 27.18
CA GLN A 388 -22.72 -1.93 28.51
C GLN A 388 -22.98 -3.34 29.03
N GLU A 389 -24.21 -3.81 28.90
CA GLU A 389 -24.61 -5.09 29.47
C GLU A 389 -23.96 -6.25 28.74
N PRO A 390 -23.03 -6.97 29.35
CA PRO A 390 -22.37 -8.09 28.66
C PRO A 390 -23.38 -9.11 28.16
N GLY A 391 -23.24 -9.48 26.89
CA GLY A 391 -24.04 -10.53 26.30
C GLY A 391 -25.20 -10.04 25.45
N VAL A 392 -25.69 -8.84 25.69
CA VAL A 392 -26.86 -8.32 24.98
C VAL A 392 -26.46 -7.96 23.56
N ALA A 393 -25.65 -6.90 23.41
CA ALA A 393 -25.22 -6.51 22.07
C ALA A 393 -24.49 -7.64 21.36
N GLU A 394 -23.75 -8.47 22.11
CA GLU A 394 -23.07 -9.60 21.48
C GLU A 394 -24.05 -10.46 20.69
N ALA A 395 -25.22 -10.73 21.27
CA ALA A 395 -26.19 -11.61 20.61
C ALA A 395 -26.70 -10.98 19.32
N GLU A 396 -27.00 -9.69 19.33
CA GLU A 396 -27.52 -9.04 18.14
C GLU A 396 -26.47 -8.99 17.04
N LEU A 397 -25.23 -8.61 17.40
CA LEU A 397 -24.19 -8.45 16.39
C LEU A 397 -23.73 -9.78 15.82
N GLU A 398 -23.73 -10.84 16.63
CA GLU A 398 -23.29 -12.15 16.19
C GLU A 398 -24.40 -12.97 15.51
N GLN A 399 -25.64 -12.49 15.53
CA GLN A 399 -26.75 -13.29 15.00
C GLN A 399 -26.59 -13.52 13.50
N ASN A 400 -26.16 -12.50 12.76
CA ASN A 400 -26.00 -12.60 11.30
C ASN A 400 -24.82 -11.70 10.91
N LEU A 401 -23.63 -12.30 10.87
CA LEU A 401 -22.41 -11.49 10.68
C LEU A 401 -22.42 -10.77 9.33
N SER A 402 -22.87 -11.46 8.28
CA SER A 402 -22.95 -10.81 6.98
C SER A 402 -23.86 -9.59 7.05
N ARG A 403 -25.02 -9.73 7.67
CA ARG A 403 -25.93 -8.59 7.82
C ARG A 403 -25.30 -7.48 8.65
N THR A 404 -24.56 -7.86 9.71
CA THR A 404 -23.97 -6.86 10.58
C THR A 404 -23.02 -5.94 9.83
N PHE A 405 -22.05 -6.51 9.10
CA PHE A 405 -21.04 -5.69 8.44
C PHE A 405 -21.57 -5.04 7.17
N LYS A 406 -22.51 -5.69 6.48
CA LYS A 406 -23.17 -5.02 5.35
C LYS A 406 -23.97 -3.81 5.82
N SER A 407 -24.47 -3.83 7.07
CA SER A 407 -25.23 -2.70 7.59
C SER A 407 -24.34 -1.59 8.12
N LEU A 408 -23.19 -1.92 8.70
CA LEU A 408 -22.27 -0.94 9.27
C LEU A 408 -21.37 -0.28 8.22
N PHE A 409 -20.74 -1.09 7.36
CA PHE A 409 -19.74 -0.58 6.41
C PHE A 409 -20.45 0.04 5.22
N ARG A 410 -20.90 1.28 5.39
CA ARG A 410 -21.65 1.99 4.36
C ARG A 410 -21.19 3.44 4.31
N ALA A 411 -21.33 4.08 3.15
CA ALA A 411 -20.99 5.52 3.07
C ALA A 411 -22.05 6.38 3.75
N SER A 412 -21.79 7.67 3.86
CA SER A 412 -22.71 8.57 4.61
C SER A 412 -24.03 8.76 3.85
N ASP A 413 -24.04 8.50 2.54
CA ASP A 413 -25.29 8.58 1.75
C ASP A 413 -25.97 7.22 1.66
N GLU A 414 -25.48 6.20 2.38
CA GLU A 414 -26.05 4.87 2.23
C GLU A 414 -26.62 4.31 3.53
N SER A 415 -26.74 5.13 4.57
CA SER A 415 -27.17 4.65 5.87
C SER A 415 -28.49 3.89 5.76
N VAL A 416 -28.51 2.67 6.29
CA VAL A 416 -29.71 1.82 6.28
C VAL A 416 -30.21 1.53 7.68
N LEU A 417 -29.44 1.98 8.67
CA LEU A 417 -29.83 1.77 10.08
C LEU A 417 -30.80 2.89 10.46
N SER A 418 -31.67 2.63 11.44
CA SER A 418 -32.61 3.67 11.90
C SER A 418 -31.85 4.75 12.68
N HIS A 420 -32.30 6.25 15.38
CA HIS A 420 -33.18 6.29 16.58
C HIS A 420 -32.45 5.88 17.85
N LYS A 421 -33.07 6.17 19.00
CA LYS A 421 -32.51 5.73 20.30
C LYS A 421 -32.45 4.21 20.25
N VAL A 422 -31.33 3.64 20.68
CA VAL A 422 -31.12 2.21 20.51
C VAL A 422 -31.57 1.39 21.72
N CYS A 423 -31.44 1.93 22.93
CA CYS A 423 -31.72 1.15 24.13
C CYS A 423 -33.18 0.73 24.20
N GLU A 424 -34.10 1.69 24.17
CA GLU A 424 -35.52 1.42 24.29
C GLU A 424 -36.16 1.05 22.95
N ALA A 425 -35.36 0.85 21.91
CA ALA A 425 -35.85 0.35 20.62
C ALA A 425 -35.79 -1.16 20.50
N GLY A 426 -34.87 -1.81 21.20
CA GLY A 426 -34.66 -3.24 21.07
C GLY A 426 -33.28 -3.64 20.56
N GLY A 427 -32.52 -2.72 20.02
CA GLY A 427 -31.19 -3.03 19.54
C GLY A 427 -30.79 -2.10 18.41
N LEU A 428 -29.74 -2.51 17.71
CA LEU A 428 -29.20 -1.68 16.64
C LEU A 428 -29.91 -1.92 15.31
N PHE A 429 -30.51 -3.09 15.13
CA PHE A 429 -31.06 -3.50 13.84
C PHE A 429 -32.57 -3.68 13.89
N VAL A 430 -33.25 -2.91 14.75
CA VAL A 430 -34.68 -3.14 14.97
C VAL A 430 -35.46 -2.92 13.68
N ASN A 431 -35.35 -1.73 13.09
CA ASN A 431 -36.05 -1.50 11.79
C ASN A 431 -34.99 -1.40 10.69
N SER A 432 -34.27 -2.49 10.49
CA SER A 432 -33.15 -2.47 9.53
C SER A 432 -33.31 -3.63 8.55
N PRO A 433 -32.88 -3.47 7.29
CA PRO A 433 -32.92 -4.58 6.36
C PRO A 433 -32.26 -5.85 6.86
N GLU A 434 -32.96 -6.99 6.78
CA GLU A 434 -32.32 -8.27 7.07
C GLU A 434 -31.32 -8.66 6.00
N GLU A 435 -31.55 -8.27 4.74
CA GLU A 435 -30.65 -8.54 3.63
C GLU A 435 -30.26 -7.21 3.00
N PRO A 436 -29.33 -6.47 3.61
CA PRO A 436 -28.93 -5.18 3.05
C PRO A 436 -28.18 -5.33 1.75
N SER A 437 -28.30 -4.31 0.91
CA SER A 437 -27.55 -4.29 -0.34
C SER A 437 -26.06 -4.05 -0.05
N LEU A 438 -25.24 -4.31 -1.07
CA LEU A 438 -23.80 -4.09 -0.94
C LEU A 438 -23.50 -2.61 -1.09
N SER A 439 -22.80 -2.05 -0.11
CA SER A 439 -22.31 -0.69 -0.25
C SER A 439 -21.30 -0.61 -1.39
N ARG A 440 -21.12 0.60 -1.91
CA ARG A 440 -20.15 0.83 -2.98
C ARG A 440 -18.72 0.85 -2.48
N MET A 441 -18.49 0.94 -1.17
CA MET A 441 -17.15 0.95 -0.63
C MET A 441 -16.53 -0.43 -0.55
N VAL A 442 -17.33 -1.49 -0.61
CA VAL A 442 -16.85 -2.84 -0.30
C VAL A 442 -17.42 -3.83 -1.29
N THR A 443 -16.64 -4.86 -1.59
CA THR A 443 -17.12 -5.98 -2.38
C THR A 443 -17.65 -7.07 -1.46
N GLU A 444 -18.37 -8.02 -2.05
CA GLU A 444 -18.88 -9.13 -1.25
C GLU A 444 -17.74 -9.94 -0.63
N GLU A 445 -16.60 -10.03 -1.33
CA GLU A 445 -15.47 -10.79 -0.81
C GLU A 445 -14.86 -10.09 0.41
N GLU A 446 -14.64 -8.76 0.31
CA GLU A 446 -14.13 -8.03 1.46
C GLU A 446 -15.06 -8.18 2.67
N ILE A 447 -16.37 -8.23 2.43
CA ILE A 447 -17.31 -8.41 3.53
C ILE A 447 -17.14 -9.80 4.13
N GLN A 448 -16.97 -10.82 3.29
CA GLN A 448 -16.84 -12.17 3.80
C GLN A 448 -15.55 -12.37 4.60
N PHE A 449 -14.51 -11.57 4.32
CA PHE A 449 -13.30 -11.65 5.13
C PHE A 449 -13.58 -11.23 6.57
N TYR A 450 -14.31 -10.12 6.74
CA TYR A 450 -14.68 -9.70 8.09
C TYR A 450 -15.54 -10.76 8.77
N VAL A 451 -16.49 -11.36 8.02
CA VAL A 451 -17.31 -12.42 8.59
C VAL A 451 -16.43 -13.53 9.13
N GLN A 452 -15.42 -13.93 8.36
CA GLN A 452 -14.59 -15.08 8.76
C GLN A 452 -13.68 -14.71 9.95
N GLN A 453 -13.20 -13.47 10.00
CA GLN A 453 -12.40 -13.05 11.15
C GLN A 453 -13.22 -13.09 12.42
N PHE A 454 -14.41 -12.50 12.40
CA PHE A 454 -15.24 -12.42 13.60
C PHE A 454 -15.91 -13.74 13.95
N LYS A 455 -15.79 -14.76 13.10
CA LYS A 455 -16.19 -16.09 13.52
C LYS A 455 -15.26 -16.66 14.59
N LYS A 456 -14.06 -16.09 14.76
CA LYS A 456 -13.09 -16.71 15.66
C LYS A 456 -13.44 -16.44 17.11
N SER A 457 -13.82 -15.20 17.44
CA SER A 457 -14.06 -14.84 18.82
C SER A 457 -15.34 -14.05 19.05
N GLY A 458 -16.01 -13.57 18.02
CA GLY A 458 -17.22 -12.82 18.23
C GLY A 458 -16.96 -11.40 18.71
N PHE A 459 -17.96 -10.82 19.36
CA PHE A 459 -17.97 -9.42 19.72
C PHE A 459 -17.73 -9.17 21.20
N ARG A 460 -17.47 -10.22 22.00
CA ARG A 460 -17.23 -10.03 23.42
C ARG A 460 -16.03 -9.11 23.66
N GLY A 461 -14.89 -9.45 23.08
CA GLY A 461 -13.68 -8.66 23.23
C GLY A 461 -13.84 -7.24 22.70
N PRO A 462 -14.27 -7.12 21.44
CA PRO A 462 -14.50 -5.76 20.90
C PRO A 462 -15.46 -4.94 21.73
N LEU A 463 -16.60 -5.51 22.15
CA LEU A 463 -17.53 -4.74 22.95
C LEU A 463 -16.96 -4.41 24.32
N ASN A 464 -16.06 -5.26 24.83
CA ASN A 464 -15.42 -4.95 26.10
C ASN A 464 -14.64 -3.63 26.04
N TRP A 465 -14.27 -3.16 24.85
CA TRP A 465 -13.61 -1.86 24.77
C TRP A 465 -14.49 -0.74 25.30
N TYR A 466 -15.81 -0.91 25.23
CA TYR A 466 -16.80 0.08 25.68
C TYR A 466 -17.12 -0.03 27.17
N ARG A 467 -16.60 -1.04 27.86
CA ARG A 467 -17.08 -1.39 29.19
C ARG A 467 -16.06 -1.08 30.28
N ASN A 468 -15.20 -0.09 30.04
CA ASN A 468 -14.23 0.38 31.01
C ASN A 468 -14.27 1.89 31.10
N MET A 469 -15.47 2.47 31.02
CA MET A 469 -15.59 3.92 30.98
C MET A 469 -15.00 4.56 32.23
N GLU A 470 -15.39 4.05 33.40
CA GLU A 470 -14.93 4.62 34.66
C GLU A 470 -13.44 4.36 34.89
N ARG A 471 -12.98 3.14 34.59
CA ARG A 471 -11.56 2.82 34.73
C ARG A 471 -10.71 3.75 33.87
N ASN A 472 -11.04 3.87 32.58
CA ASN A 472 -10.25 4.73 31.69
C ASN A 472 -10.30 6.18 32.13
N TRP A 473 -11.43 6.61 32.69
CA TRP A 473 -11.57 7.99 33.14
C TRP A 473 -10.62 8.28 34.30
N LYS A 474 -10.57 7.38 35.29
CA LYS A 474 -9.66 7.56 36.41
C LYS A 474 -8.21 7.55 35.95
N TRP A 475 -7.87 6.68 35.00
CA TRP A 475 -6.51 6.65 34.47
C TRP A 475 -6.21 7.93 33.71
N ALA A 476 -7.14 8.37 32.86
CA ALA A 476 -6.90 9.56 32.05
C ALA A 476 -6.72 10.80 32.91
N CYS A 477 -7.38 10.85 34.07
CA CYS A 477 -7.26 12.02 34.93
C CYS A 477 -5.85 12.21 35.46
N LYS A 478 -5.04 11.15 35.51
CA LYS A 478 -3.65 11.29 35.91
C LYS A 478 -2.82 12.10 34.93
N SER A 479 -3.30 12.31 33.71
CA SER A 479 -2.54 13.00 32.68
C SER A 479 -3.04 14.41 32.43
N LEU A 480 -3.92 14.93 33.28
CA LEU A 480 -4.55 16.22 32.99
C LEU A 480 -3.56 17.37 33.03
N GLY A 481 -2.42 17.19 33.68
CA GLY A 481 -1.37 18.19 33.71
C GLY A 481 -0.39 18.14 32.56
N ARG A 482 -0.48 17.12 31.71
CA ARG A 482 0.49 16.94 30.64
C ARG A 482 0.03 17.62 29.37
N LYS A 483 0.95 17.72 28.42
CA LYS A 483 0.64 18.14 27.07
C LYS A 483 1.32 17.19 26.11
N ILE A 484 0.77 17.09 24.89
CA ILE A 484 1.39 16.30 23.83
C ILE A 484 2.28 17.23 23.02
N LEU A 485 3.59 16.96 23.03
CA LEU A 485 4.56 17.82 22.37
C LEU A 485 5.38 17.08 21.33
N ILE A 486 5.05 15.82 21.03
CA ILE A 486 5.70 15.08 19.95
C ILE A 486 4.94 15.36 18.66
N PRO A 487 5.50 15.07 17.50
CA PRO A 487 4.77 15.33 16.25
C PRO A 487 3.43 14.61 16.24
N ALA A 488 2.37 15.35 15.92
CA ALA A 488 1.01 14.82 15.98
C ALA A 488 0.21 15.33 14.80
N LEU A 489 -0.77 14.53 14.39
CA LEU A 489 -1.60 14.85 13.23
C LEU A 489 -3.02 14.41 13.52
N MET A 490 -3.97 15.33 13.33
CA MET A 490 -5.38 15.05 13.43
C MET A 490 -6.02 15.18 12.05
N VAL A 491 -6.78 14.17 11.64
CA VAL A 491 -7.48 14.16 10.37
C VAL A 491 -8.97 14.03 10.63
N THR A 492 -9.75 14.97 10.09
CA THR A 492 -11.17 15.00 10.30
C THR A 492 -11.90 14.59 9.01
N ALA A 493 -13.09 14.03 9.20
CA ALA A 493 -13.93 13.64 8.04
C ALA A 493 -15.25 14.42 8.13
N GLU A 494 -15.64 15.08 7.05
CA GLU A 494 -16.86 15.94 7.04
C GLU A 494 -18.16 15.18 7.33
N LYS A 495 -18.40 14.06 6.67
CA LYS A 495 -19.71 13.37 6.80
C LYS A 495 -19.61 12.30 7.89
N ASP A 496 -18.64 12.44 8.78
CA ASP A 496 -18.57 11.52 9.95
C ASP A 496 -19.52 12.08 11.00
N PHE A 497 -20.60 11.36 11.26
CA PHE A 497 -21.61 11.81 12.21
C PHE A 497 -21.42 11.25 13.60
N VAL A 498 -20.58 10.23 13.78
CA VAL A 498 -20.27 9.75 15.12
C VAL A 498 -19.06 10.49 15.70
N LEU A 499 -18.08 10.78 14.86
CA LEU A 499 -16.89 11.55 15.29
C LEU A 499 -16.86 12.81 14.42
N VAL A 500 -17.68 13.79 14.77
CA VAL A 500 -17.85 15.03 13.96
C VAL A 500 -16.60 15.90 14.04
N PRO A 501 -16.26 16.64 12.96
CA PRO A 501 -15.03 17.41 12.94
C PRO A 501 -14.90 18.58 13.92
N GLN A 502 -15.99 18.95 14.59
CA GLN A 502 -15.99 20.10 15.53
C GLN A 502 -15.58 19.65 16.94
N MET A 503 -15.63 18.35 17.22
CA MET A 503 -15.19 17.82 18.54
C MET A 503 -13.66 17.92 18.63
N SER A 504 -13.02 18.32 17.54
CA SER A 504 -11.54 18.44 17.52
C SER A 504 -11.10 19.90 17.49
N GLN A 505 -12.00 20.84 17.76
CA GLN A 505 -11.64 22.23 17.52
C GLN A 505 -10.72 22.81 18.59
N HIS A 506 -10.70 22.23 19.79
CA HIS A 506 -9.91 22.76 20.88
C HIS A 506 -8.65 21.96 21.15
N MET A 507 -8.28 21.05 20.25
CA MET A 507 -7.14 20.17 20.50
C MET A 507 -5.82 20.93 20.61
N GLU A 508 -5.71 22.11 20.00
CA GLU A 508 -4.47 22.88 20.07
C GLU A 508 -4.15 23.28 21.50
N ASP A 509 -5.16 23.40 22.36
CA ASP A 509 -4.90 23.70 23.76
C ASP A 509 -3.96 22.68 24.39
N TRP A 510 -4.07 21.42 23.99
CA TRP A 510 -3.25 20.37 24.63
C TRP A 510 -2.14 19.89 23.68
N ILE A 511 -2.31 20.11 22.39
CA ILE A 511 -1.27 19.74 21.39
C ILE A 511 -0.96 21.00 20.57
N PRO A 512 -0.03 21.88 21.04
CA PRO A 512 0.25 23.13 20.37
C PRO A 512 0.76 23.10 18.94
N HIS A 513 1.64 22.16 18.63
CA HIS A 513 2.28 22.08 17.30
C HIS A 513 1.51 21.07 16.46
N LEU A 514 0.29 20.78 16.87
CA LEU A 514 -0.55 19.79 16.16
C LEU A 514 -0.80 20.18 14.71
N LYS A 515 -0.57 19.23 13.82
CA LYS A 515 -0.88 19.40 12.41
C LYS A 515 -2.24 18.79 12.09
N ARG A 516 -2.89 19.31 11.05
CA ARG A 516 -4.25 18.92 10.75
C ARG A 516 -4.39 18.48 9.30
N GLY A 517 -5.41 17.67 9.05
CA GLY A 517 -5.78 17.29 7.70
C GLY A 517 -7.28 17.10 7.66
N HIS A 518 -7.86 17.38 6.50
CA HIS A 518 -9.31 17.35 6.36
C HIS A 518 -9.68 16.63 5.07
N ILE A 519 -10.72 15.80 5.13
CA ILE A 519 -11.20 15.06 3.97
C ILE A 519 -12.67 15.38 3.78
N GLU A 520 -13.02 15.89 2.61
CA GLU A 520 -14.39 16.27 2.31
C GLU A 520 -15.17 15.08 1.77
N ASP A 521 -16.48 15.10 2.01
CA ASP A 521 -17.40 14.06 1.51
C ASP A 521 -16.92 12.67 1.93
N CYS A 522 -16.52 12.56 3.19
CA CYS A 522 -15.95 11.33 3.73
C CYS A 522 -16.68 10.96 5.00
N GLY A 523 -17.12 9.70 5.10
CA GLY A 523 -17.83 9.22 6.26
C GLY A 523 -16.92 8.72 7.37
N HIS A 524 -17.49 7.83 8.19
CA HIS A 524 -16.77 7.34 9.35
C HIS A 524 -15.69 6.32 8.99
N TRP A 525 -15.91 5.52 7.95
CA TRP A 525 -14.95 4.48 7.53
C TRP A 525 -13.93 5.10 6.58
N THR A 526 -13.12 5.99 7.15
CA THR A 526 -12.25 6.84 6.34
C THR A 526 -11.35 6.04 5.41
N GLN A 527 -10.80 4.92 5.89
CA GLN A 527 -9.77 4.22 5.12
C GLN A 527 -10.32 3.75 3.77
N MET A 528 -11.49 3.12 3.78
CA MET A 528 -12.08 2.62 2.54
C MET A 528 -12.94 3.64 1.82
N ASP A 529 -13.40 4.68 2.53
CA ASP A 529 -14.19 5.73 1.89
C ASP A 529 -13.34 6.57 0.95
N LYS A 530 -12.25 7.14 1.46
CA LYS A 530 -11.36 8.00 0.68
C LYS A 530 -9.92 7.51 0.81
N PRO A 531 -9.64 6.29 0.33
CA PRO A 531 -8.28 5.74 0.52
C PRO A 531 -7.18 6.58 -0.12
N THR A 532 -7.43 7.16 -1.29
CA THR A 532 -6.38 7.95 -1.99
C THR A 532 -6.01 9.18 -1.19
N GLU A 533 -7.00 9.91 -0.70
CA GLU A 533 -6.76 11.15 0.06
C GLU A 533 -6.06 10.84 1.39
N VAL A 534 -6.52 9.80 2.08
CA VAL A 534 -5.88 9.37 3.35
C VAL A 534 -4.39 9.10 3.07
N ASN A 535 -4.10 8.31 2.05
CA ASN A 535 -2.68 7.94 1.79
C ASN A 535 -1.82 9.20 1.60
N GLN A 536 -2.31 10.16 0.83
CA GLN A 536 -1.57 11.42 0.58
C GLN A 536 -1.33 12.19 1.89
N ILE A 537 -2.39 12.44 2.66
CA ILE A 537 -2.28 13.15 3.97
C ILE A 537 -1.30 12.41 4.90
N LEU A 538 -1.34 11.08 4.91
CA LEU A 538 -0.47 10.40 5.87
C LEU A 538 0.97 10.36 5.39
N ILE A 539 1.18 10.17 4.07
CA ILE A 539 2.55 10.11 3.57
C ILE A 539 3.21 11.48 3.60
N LYS A 540 2.43 12.54 3.36
CA LYS A 540 2.97 13.89 3.46
C LYS A 540 3.41 14.20 4.90
N TRP A 541 2.60 13.81 5.87
CA TRP A 541 2.92 14.06 7.28
C TRP A 541 4.08 13.19 7.74
N LEU A 542 4.09 11.91 7.35
CA LEU A 542 5.19 11.02 7.75
C LEU A 542 6.53 11.55 7.23
N ASP A 543 6.58 11.89 5.95
CA ASP A 543 7.84 12.35 5.36
C ASP A 543 8.31 13.66 5.98
N SER A 544 7.38 14.47 6.49
CA SER A 544 7.73 15.78 7.05
C SER A 544 7.94 15.78 8.56
N ASP A 545 7.33 14.82 9.27
CA ASP A 545 7.39 14.88 10.76
C ASP A 545 7.88 13.57 11.40
N ALA A 546 7.85 12.46 10.68
CA ALA A 546 8.30 11.18 11.23
C ALA A 546 9.64 10.74 10.70
N ARG A 547 9.97 11.04 9.45
CA ARG A 547 11.25 10.64 8.89
C ARG A 547 12.40 11.47 9.49
N ASN A 548 12.13 12.72 9.84
CA ASN A 548 13.15 13.60 10.41
C ASN A 548 14.31 13.79 9.43
C1 A1D78 B . -25.84 7.97 17.37
C10 A1D78 B . -22.25 1.98 15.00
C11 A1D78 B . -22.72 1.58 16.40
C12 A1D78 B . -21.64 3.41 15.02
C13 A1D78 B . -20.34 3.50 15.84
C14 A1D78 B . -19.25 2.53 15.36
C15 A1D78 B . -18.70 2.97 14.01
C16 A1D78 B . -18.10 2.53 16.38
C18 A1D78 B . -17.56 4.50 17.78
C2 A1D78 B . -25.32 8.01 15.92
C20 A1D78 B . -16.81 6.49 19.01
C21 A1D78 B . -15.74 5.96 19.96
C22 A1D78 B . -14.40 5.86 19.24
C23 A1D78 B . -13.33 6.60 20.01
C25 A1D78 B . -14.43 6.59 22.08
C26 A1D78 B . -15.60 6.88 21.16
C28 A1D78 B . -19.84 1.12 15.26
C29 A1D78 B . -21.17 1.01 14.51
C3 A1D78 B . -26.45 7.99 14.84
C30 A1D78 B . -23.60 5.00 13.19
C31 A1D78 B . -22.66 4.47 15.39
C32 A1D78 B . -22.41 5.40 16.32
C33 A1D78 B . -25.49 4.74 16.63
C34 A1D78 B . -24.39 6.79 15.58
C35 A1D78 B . -23.20 6.60 16.51
C37 A1D78 B . -27.36 9.26 14.75
C38 A1D78 B . -28.35 9.42 15.90
C39 A1D78 B . -28.17 9.20 13.46
C4 A1D78 B . -27.22 6.68 14.88
C40 A1D78 B . -26.43 10.49 14.68
C42 A1D78 B . -27.10 12.55 13.64
C43 A1D78 B . -28.00 13.75 13.91
C45 A1D78 B . -29.23 13.70 13.02
C47 A1D78 B . -28.84 13.70 11.55
C49 A1D78 B . -27.70 12.73 11.31
C5 A1D78 B . -26.28 5.56 14.42
C50 A1D78 B . -26.39 13.41 10.99
C53 A1D78 B . -25.39 10.54 15.77
C54 A1D78 B . -24.51 9.29 15.73
C6 A1D78 B . -25.03 5.39 15.30
C7 A1D78 B . -23.96 4.47 14.58
C8 A1D78 B . -24.51 3.05 14.39
C9 A1D78 B . -23.45 2.00 14.04
N17 A1D78 B . -17.49 3.82 16.62
N19 A1D78 B . -16.94 5.68 17.80
O24 A1D78 B . -13.27 6.18 21.36
O27 A1D78 B . -18.17 4.06 18.75
O36 A1D78 B . -22.91 7.39 17.39
O41 A1D78 B . -27.24 11.69 14.73
O44 A1D78 B . -27.28 14.97 13.69
O46 A1D78 B . -30.05 14.83 13.29
O48 A1D78 B . -29.95 13.30 10.76
O51 A1D78 B . -26.39 13.98 9.70
O52 A1D78 B . -27.49 11.89 12.45
H1C A1D78 B . -25.49 7.21 17.88
H1A A1D78 B . -26.82 7.93 17.43
H1B A1D78 B . -25.58 8.77 17.87
H11A A1D78 B . -21.99 1.53 17.05
H11B A1D78 B . -23.13 0.68 16.36
H11C A1D78 B . -23.40 2.19 16.76
H12 A1D78 B . -21.37 3.65 14.11
H13B A1D78 B . -20.00 4.41 15.78
H13A A1D78 B . -20.53 3.35 16.79
H15A A1D78 B . -18.42 3.91 14.03
H15B A1D78 B . -19.37 2.88 13.30
H15C A1D78 B . -17.93 2.42 13.74
H16B A1D78 B . -18.45 2.21 17.23
H16A A1D78 B . -17.40 1.90 16.11
H20B A1D78 B . -16.60 7.40 18.75
H20A A1D78 B . -17.68 6.51 19.46
H21 A1D78 B . -15.99 5.07 20.26
H22B A1D78 B . -14.12 4.93 19.11
H22A A1D78 B . -14.45 6.26 18.35
H23A A1D78 B . -12.45 6.39 19.62
H23B A1D78 B . -13.44 7.57 19.95
H25A A1D78 B . -14.20 7.39 22.61
H25B A1D78 B . -14.68 5.89 22.71
H26A A1D78 B . -15.56 7.83 20.91
H26B A1D78 B . -16.42 6.79 21.67
H28A A1D78 B . -19.95 0.73 16.16
H28B A1D78 B . -19.20 0.52 14.82
H29A A1D78 B . -21.50 0.09 14.57
H29B A1D78 B . -20.97 1.15 13.56
H3 A1D78 B . -25.97 7.98 13.99
H30C A1D78 B . -23.25 5.91 13.19
H30A A1D78 B . -24.35 4.94 12.57
H30B A1D78 B . -22.90 4.46 12.76
H32 A1D78 B . -21.67 5.34 16.96
H33B A1D78 B . -24.75 4.45 17.20
H33C A1D78 B . -26.06 3.97 16.45
H33A A1D78 B . -26.05 5.32 17.16
H34 A1D78 B . -23.96 7.09 14.75
H38C A1D78 B . -27.92 9.67 16.74
H38B A1D78 B . -28.86 8.59 16.05
H38A A1D78 B . -29.01 10.11 15.70
H39B A1D78 B . -28.70 8.38 13.39
H39C A1D78 B . -27.59 9.25 12.67
H39A A1D78 B . -28.81 9.94 13.41
H4A A1D78 B . -27.98 6.67 14.26
H4B A1D78 B . -27.58 6.48 15.76
H40 A1D78 B . -25.94 10.45 13.84
H42 A1D78 B . -26.17 12.83 13.54
H43 A1D78 B . -28.27 13.78 14.84
H45 A1D78 B . -29.76 12.91 13.23
H47 A1D78 B . -28.61 14.60 11.25
H49 A1D78 B . -27.90 12.12 10.57
H5B A1D78 B . -26.80 4.72 14.38
H5A A1D78 B . -26.05 5.78 13.49
H50A A1D78 B . -25.64 12.78 11.04
H50B A1D78 B . -26.19 14.14 11.63
H53A A1D78 B . -24.84 11.34 15.65
H53B A1D78 B . -25.81 10.61 16.65
H54B A1D78 B . -24.04 9.30 14.88
H54A A1D78 B . -23.82 9.39 16.41
H8A A1D78 B . -25.16 3.03 13.65
H8B A1D78 B . -25.02 2.72 15.15
H9B A1D78 B . -23.87 1.11 14.03
H9A A1D78 B . -23.16 2.15 13.12
H17 A1D78 B . -17.04 4.20 15.95
H19 A1D78 B . -16.60 5.98 17.05
H44 A1D78 B . -27.86 15.50 13.36
H46 A1D78 B . -29.98 14.97 14.12
H48 A1D78 B . -29.71 13.31 9.95
H51 A1D78 B . -26.84 13.45 9.20
MG MG C . 13.47 -1.01 -24.43
P PO4 D . 14.45 -3.83 -22.53
O1 PO4 D . 15.87 -3.55 -22.11
O2 PO4 D . 14.36 -5.22 -23.15
O3 PO4 D . 13.54 -3.76 -21.33
O4 PO4 D . 14.02 -2.80 -23.57
#